data_7JXB
#
_entry.id   7JXB
#
_cell.length_a   41.070
_cell.length_b   51.390
_cell.length_c   79.410
_cell.angle_alpha   90.000
_cell.angle_beta   92.040
_cell.angle_gamma   90.000
#
_symmetry.space_group_name_H-M   'P 1 21 1'
#
loop_
_entity.id
_entity.type
_entity.pdbx_description
1 polymer 'Cytochrome P450'
2 non-polymer "3'-methoxy[1,1'-biphenyl]-4-carboxylic acid"
3 non-polymer 'PROTOPORPHYRIN IX CONTAINING FE'
4 non-polymer 'CHLORIDE ION'
5 water water
#
_entity_poly.entity_id   1
_entity_poly.type   'polypeptide(L)'
_entity_poly.pdbx_seq_one_letter_code
;MISNSSAESISAPPNDSTIPHLAIDPFSLDFFDDPYPDQQTLRDAGPVVYLDKWNVYGVARYAEVHAVLNDPTTFCSSRG
VGLSDFKKEKPWRPPSLILEADPPAHTRPRAVLSKVLSPATMKTIRDGFAAAADAKVDELLQRGCIDAIADLAEAYPLSV
FPDAMGLKQEGREHLLPYAGLVFNAFGPPNELRQTAIERSAPHQAYVNEQCQRPNLAPGGFGACIHAFTDTGEITPDEAP
LLVRSLLSAGLDTTVNGIGAAVYCLARFPGELQRLRSDPTLARNAFEEAVRFESPVQTFFRTTTREVELGGAVIGEGEKV
LMFLGSANRDPRRWSDPDLYDITRKTSGHVGFGSGVHMCVGQLVARLEGEVMLSALARKVAAIDIDGPVKRRFNNTLRGL
ESLPVKLTPA
;
_entity_poly.pdbx_strand_id   A
#
# COMPACT_ATOMS: atom_id res chain seq x y z
N THR A 18 -11.89 -31.90 2.41
CA THR A 18 -12.72 -30.87 1.82
C THR A 18 -11.88 -29.75 1.21
N ILE A 19 -10.99 -29.20 2.02
CA ILE A 19 -10.25 -28.01 1.62
C ILE A 19 -8.97 -28.44 0.90
N PRO A 20 -8.65 -27.87 -0.26
CA PRO A 20 -7.40 -28.26 -0.93
C PRO A 20 -6.19 -27.71 -0.22
N HIS A 21 -5.15 -28.55 -0.13
CA HIS A 21 -3.88 -28.16 0.45
C HIS A 21 -2.88 -27.89 -0.66
N LEU A 22 -2.27 -26.71 -0.63
CA LEU A 22 -1.31 -26.30 -1.64
C LEU A 22 0.03 -26.02 -0.98
N ALA A 23 1.10 -26.29 -1.73
CA ALA A 23 2.47 -26.06 -1.28
C ALA A 23 3.03 -24.74 -1.76
N ILE A 24 2.25 -23.97 -2.54
CA ILE A 24 2.68 -22.66 -3.01
C ILE A 24 3.14 -21.79 -1.86
N ASP A 25 4.32 -21.17 -2.00
CA ASP A 25 4.79 -20.21 -1.01
C ASP A 25 4.55 -18.82 -1.58
N PRO A 26 3.52 -18.10 -1.14
CA PRO A 26 3.24 -16.78 -1.71
C PRO A 26 4.24 -15.71 -1.27
N PHE A 27 5.22 -16.06 -0.44
CA PHE A 27 6.27 -15.12 0.00
C PHE A 27 7.65 -15.53 -0.52
N SER A 28 7.69 -16.38 -1.54
CA SER A 28 8.94 -16.80 -2.15
C SER A 28 9.31 -15.86 -3.28
N LEU A 29 10.62 -15.73 -3.54
CA LEU A 29 11.05 -14.84 -4.62
C LEU A 29 10.48 -15.28 -5.97
N ASP A 30 10.36 -16.60 -6.19
CA ASP A 30 9.82 -17.08 -7.47
C ASP A 30 8.35 -16.65 -7.64
N PHE A 31 7.59 -16.64 -6.54
CA PHE A 31 6.22 -16.14 -6.56
C PHE A 31 6.20 -14.64 -6.85
N PHE A 32 7.01 -13.84 -6.13
CA PHE A 32 7.04 -12.39 -6.39
C PHE A 32 7.41 -12.09 -7.85
N ASP A 33 8.34 -12.87 -8.40
CA ASP A 33 8.85 -12.62 -9.75
C ASP A 33 7.74 -12.74 -10.79
N ASP A 34 6.78 -13.62 -10.59
CA ASP A 34 5.66 -13.74 -11.50
C ASP A 34 4.52 -14.43 -10.77
N PRO A 35 3.66 -13.68 -10.10
CA PRO A 35 2.65 -14.28 -9.22
C PRO A 35 1.40 -14.74 -9.92
N TYR A 36 1.21 -14.38 -11.19
CA TYR A 36 -0.10 -14.49 -11.78
C TYR A 36 -0.52 -15.94 -12.02
N PRO A 37 0.34 -16.81 -12.53
CA PRO A 37 -0.10 -18.22 -12.65
C PRO A 37 -0.46 -18.83 -11.30
N ASP A 38 0.36 -18.60 -10.27
CA ASP A 38 0.04 -19.18 -8.96
C ASP A 38 -1.24 -18.58 -8.38
N GLN A 39 -1.48 -17.29 -8.63
CA GLN A 39 -2.73 -16.69 -8.16
C GLN A 39 -3.95 -17.33 -8.83
N GLN A 40 -3.83 -17.70 -10.12
CA GLN A 40 -4.95 -18.42 -10.72
C GLN A 40 -5.11 -19.79 -10.08
N THR A 41 -3.99 -20.47 -9.83
CA THR A 41 -4.07 -21.77 -9.17
C THR A 41 -4.76 -21.65 -7.82
N LEU A 42 -4.45 -20.58 -7.07
CA LEU A 42 -5.07 -20.36 -5.76
C LEU A 42 -6.57 -20.07 -5.89
N ARG A 43 -6.98 -19.30 -6.89
CA ARG A 43 -8.39 -19.04 -7.11
C ARG A 43 -9.11 -20.31 -7.53
N ASP A 44 -8.52 -21.04 -8.47
CA ASP A 44 -9.26 -22.12 -9.09
C ASP A 44 -9.25 -23.39 -8.25
N ALA A 45 -8.38 -23.46 -7.25
CA ALA A 45 -8.36 -24.61 -6.36
C ALA A 45 -9.63 -24.68 -5.51
N GLY A 46 -10.24 -23.53 -5.24
CA GLY A 46 -11.44 -23.45 -4.42
C GLY A 46 -11.56 -22.08 -3.78
N PRO A 47 -12.73 -21.80 -3.20
CA PRO A 47 -12.91 -20.50 -2.53
C PRO A 47 -12.03 -20.34 -1.31
N VAL A 48 -11.59 -21.44 -0.69
CA VAL A 48 -10.67 -21.38 0.43
C VAL A 48 -9.65 -22.51 0.25
N VAL A 49 -8.39 -22.20 0.53
CA VAL A 49 -7.31 -23.17 0.43
C VAL A 49 -6.56 -23.18 1.76
N TYR A 50 -5.78 -24.23 1.97
CA TYR A 50 -4.86 -24.27 3.09
C TYR A 50 -3.44 -24.27 2.54
N LEU A 51 -2.63 -23.33 3.00
CA LEU A 51 -1.25 -23.21 2.54
C LEU A 51 -0.34 -23.93 3.55
N ASP A 52 0.09 -25.14 3.17
CA ASP A 52 0.90 -25.99 4.04
C ASP A 52 2.24 -25.37 4.39
N LYS A 53 2.78 -24.49 3.54
CA LYS A 53 4.09 -23.92 3.80
C LYS A 53 4.11 -23.11 5.10
N TRP A 54 2.99 -22.47 5.44
CA TRP A 54 2.94 -21.55 6.57
C TRP A 54 1.80 -21.86 7.54
N ASN A 55 1.00 -22.90 7.30
CA ASN A 55 -0.12 -23.28 8.15
C ASN A 55 -1.12 -22.14 8.30
N VAL A 56 -1.59 -21.61 7.16
CA VAL A 56 -2.60 -20.57 7.12
C VAL A 56 -3.64 -20.95 6.07
N TYR A 57 -4.85 -20.44 6.26
CA TYR A 57 -5.87 -20.47 5.23
C TYR A 57 -5.63 -19.35 4.24
N GLY A 58 -6.04 -19.56 3.00
CA GLY A 58 -5.93 -18.55 1.96
C GLY A 58 -7.22 -18.39 1.20
N VAL A 59 -7.53 -17.13 0.85
CA VAL A 59 -8.67 -16.81 -0.01
C VAL A 59 -8.17 -15.88 -1.09
N ALA A 60 -8.40 -16.25 -2.34
CA ALA A 60 -7.84 -15.51 -3.46
C ALA A 60 -8.88 -15.01 -4.45
N ARG A 61 -10.15 -15.42 -4.33
CA ARG A 61 -11.19 -14.87 -5.20
C ARG A 61 -11.76 -13.57 -4.63
N TYR A 62 -12.28 -12.73 -5.54
CA TYR A 62 -12.85 -11.46 -5.14
C TYR A 62 -13.91 -11.60 -4.05
N ALA A 63 -14.90 -12.48 -4.28
CA ALA A 63 -16.04 -12.54 -3.36
C ALA A 63 -15.60 -12.84 -1.93
N GLU A 64 -14.72 -13.84 -1.74
CA GLU A 64 -14.34 -14.22 -0.38
C GLU A 64 -13.40 -13.17 0.24
N VAL A 65 -12.49 -12.60 -0.54
CA VAL A 65 -11.64 -11.53 -0.01
C VAL A 65 -12.50 -10.36 0.46
N HIS A 66 -13.45 -9.96 -0.37
CA HIS A 66 -14.33 -8.87 0.02
C HIS A 66 -15.15 -9.24 1.25
N ALA A 67 -15.66 -10.48 1.31
CA ALA A 67 -16.44 -10.89 2.47
C ALA A 67 -15.62 -10.84 3.74
N VAL A 68 -14.40 -11.37 3.70
CA VAL A 68 -13.57 -11.40 4.92
C VAL A 68 -13.29 -9.99 5.41
N LEU A 69 -12.88 -9.10 4.50
CA LEU A 69 -12.57 -7.71 4.88
C LEU A 69 -13.76 -7.03 5.54
N ASN A 70 -14.98 -7.41 5.16
CA ASN A 70 -16.17 -6.76 5.67
C ASN A 70 -16.82 -7.53 6.82
N ASP A 71 -16.08 -8.44 7.46
CA ASP A 71 -16.59 -9.23 8.58
C ASP A 71 -15.58 -9.09 9.72
N PRO A 72 -15.40 -7.88 10.28
CA PRO A 72 -14.30 -7.67 11.23
C PRO A 72 -14.53 -8.30 12.58
N THR A 73 -15.78 -8.62 12.97
CA THR A 73 -15.98 -9.25 14.27
C THR A 73 -15.56 -10.70 14.28
N THR A 74 -15.47 -11.34 13.12
CA THR A 74 -14.95 -12.69 13.06
C THR A 74 -13.53 -12.72 12.53
N PHE A 75 -13.21 -11.88 11.55
CA PHE A 75 -11.86 -11.84 10.98
C PHE A 75 -11.20 -10.57 11.51
N CYS A 76 -10.58 -10.69 12.69
CA CYS A 76 -10.16 -9.50 13.40
C CYS A 76 -8.77 -9.06 12.99
N SER A 77 -8.43 -7.83 13.37
CA SER A 77 -7.12 -7.24 13.13
C SER A 77 -6.27 -7.10 14.39
N SER A 78 -6.85 -7.22 15.58
CA SER A 78 -6.10 -6.92 16.81
C SER A 78 -5.11 -8.02 17.18
N ARG A 79 -5.17 -9.17 16.52
CA ARG A 79 -4.15 -10.20 16.69
C ARG A 79 -3.09 -10.11 15.60
N GLY A 80 -3.04 -8.97 14.90
CA GLY A 80 -2.03 -8.73 13.89
C GLY A 80 -2.56 -9.01 12.50
N VAL A 81 -2.10 -8.23 11.52
CA VAL A 81 -2.47 -8.43 10.13
C VAL A 81 -1.29 -9.00 9.34
N GLY A 82 -0.24 -9.43 10.03
CA GLY A 82 0.77 -10.28 9.45
C GLY A 82 0.56 -11.72 9.85
N LEU A 83 1.54 -12.55 9.52
CA LEU A 83 1.45 -13.97 9.89
C LEU A 83 1.46 -14.12 11.41
N SER A 84 2.25 -13.29 12.10
CA SER A 84 2.37 -13.45 13.54
C SER A 84 1.05 -13.16 14.24
N ASP A 85 0.69 -14.03 15.19
CA ASP A 85 -0.51 -13.87 16.00
C ASP A 85 -0.09 -13.23 17.31
N PHE A 86 -0.59 -12.01 17.57
CA PHE A 86 -0.15 -11.27 18.74
C PHE A 86 -0.56 -11.93 20.06
N LYS A 87 -1.52 -12.87 20.02
CA LYS A 87 -1.88 -13.66 21.19
C LYS A 87 -0.82 -14.71 21.50
N LYS A 88 0.01 -15.04 20.52
CA LYS A 88 1.03 -16.08 20.65
C LYS A 88 2.44 -15.55 20.73
N GLU A 89 2.75 -14.49 19.98
CA GLU A 89 4.11 -13.94 19.89
C GLU A 89 4.07 -12.46 20.20
N LYS A 90 5.22 -11.94 20.63
CA LYS A 90 5.33 -10.49 20.91
C LYS A 90 5.44 -9.74 19.59
N PRO A 91 4.67 -8.64 19.40
CA PRO A 91 4.86 -7.84 18.18
C PRO A 91 6.24 -7.23 18.17
N TRP A 92 6.80 -7.06 16.97
CA TRP A 92 8.16 -6.54 16.87
C TRP A 92 8.29 -5.08 17.29
N ARG A 93 7.19 -4.34 17.28
CA ARG A 93 7.08 -2.97 17.78
C ARG A 93 5.72 -2.88 18.45
N PRO A 94 5.50 -1.88 19.29
CA PRO A 94 4.18 -1.74 19.93
C PRO A 94 3.08 -1.70 18.88
N PRO A 95 1.95 -2.36 19.14
CA PRO A 95 0.90 -2.45 18.11
C PRO A 95 0.40 -1.10 17.64
N SER A 96 0.11 -1.01 16.35
CA SER A 96 -0.55 0.16 15.82
C SER A 96 -1.94 0.30 16.45
N LEU A 97 -2.29 1.53 16.83
CA LEU A 97 -3.59 1.82 17.42
C LEU A 97 -4.72 1.84 16.39
N ILE A 98 -4.39 1.78 15.11
CA ILE A 98 -5.43 1.80 14.09
C ILE A 98 -5.39 0.50 13.28
N LEU A 99 -4.25 0.17 12.67
CA LEU A 99 -4.18 -1.02 11.82
C LEU A 99 -4.40 -2.29 12.62
N GLU A 100 -3.85 -2.35 13.83
CA GLU A 100 -3.84 -3.58 14.63
C GLU A 100 -4.81 -3.48 15.80
N ALA A 101 -5.96 -2.86 15.53
CA ALA A 101 -7.02 -2.66 16.52
C ALA A 101 -8.36 -2.97 15.87
N ASP A 102 -9.29 -3.44 16.68
CA ASP A 102 -10.65 -3.67 16.23
C ASP A 102 -11.58 -2.62 16.80
N PRO A 103 -12.75 -2.40 16.20
CA PRO A 103 -13.77 -1.58 16.89
C PRO A 103 -14.13 -2.25 18.21
N PRO A 104 -14.35 -1.49 19.27
CA PRO A 104 -14.38 -0.02 19.31
C PRO A 104 -13.04 0.70 19.52
N ALA A 105 -11.98 0.01 19.94
CA ALA A 105 -10.71 0.70 20.16
C ALA A 105 -10.21 1.39 18.90
N HIS A 106 -10.55 0.84 17.73
CA HIS A 106 -10.11 1.38 16.45
C HIS A 106 -10.76 2.74 16.14
N THR A 107 -11.95 3.00 16.67
CA THR A 107 -12.82 4.00 16.07
C THR A 107 -12.30 5.43 16.23
N ARG A 108 -11.93 5.83 17.45
CA ARG A 108 -11.53 7.23 17.59
C ARG A 108 -10.16 7.51 16.96
N PRO A 109 -9.17 6.62 17.09
CA PRO A 109 -7.93 6.81 16.30
C PRO A 109 -8.17 6.90 14.80
N ARG A 110 -9.07 6.05 14.29
CA ARG A 110 -9.44 6.14 12.88
C ARG A 110 -10.05 7.50 12.56
N ALA A 111 -10.91 8.02 13.46
CA ALA A 111 -11.55 9.30 13.19
C ALA A 111 -10.54 10.43 13.15
N VAL A 112 -9.53 10.38 14.03
CA VAL A 112 -8.48 11.41 14.00
C VAL A 112 -7.73 11.39 12.68
N LEU A 113 -7.30 10.21 12.21
CA LEU A 113 -6.58 10.18 10.94
C LEU A 113 -7.47 10.56 9.77
N SER A 114 -8.75 10.17 9.83
CA SER A 114 -9.67 10.57 8.77
C SER A 114 -9.82 12.08 8.70
N LYS A 115 -9.80 12.76 9.85
CA LYS A 115 -9.92 14.20 9.88
C LYS A 115 -8.61 14.88 9.50
N VAL A 116 -7.48 14.32 9.94
CA VAL A 116 -6.18 14.89 9.59
C VAL A 116 -5.97 14.79 8.08
N LEU A 117 -6.43 13.70 7.48
CA LEU A 117 -6.27 13.45 6.04
C LEU A 117 -7.59 13.64 5.29
N SER A 118 -8.37 14.62 5.70
CA SER A 118 -9.75 14.83 5.24
C SER A 118 -9.80 15.49 3.87
N PRO A 119 -10.98 15.46 3.24
CA PRO A 119 -11.16 16.29 2.03
C PRO A 119 -10.72 17.73 2.23
N ALA A 120 -11.13 18.35 3.33
CA ALA A 120 -10.74 19.74 3.58
C ALA A 120 -9.23 19.90 3.66
N THR A 121 -8.53 18.93 4.24
CA THR A 121 -7.07 19.02 4.30
C THR A 121 -6.46 18.95 2.90
N MET A 122 -7.08 18.20 1.99
CA MET A 122 -6.48 18.09 0.66
C MET A 122 -6.42 19.44 -0.03
N LYS A 123 -7.38 20.32 0.26
CA LYS A 123 -7.34 21.66 -0.33
C LYS A 123 -6.06 22.40 0.06
N THR A 124 -5.52 22.14 1.26
CA THR A 124 -4.35 22.89 1.73
C THR A 124 -3.05 22.43 1.08
N ILE A 125 -3.00 21.21 0.56
CA ILE A 125 -1.76 20.66 0.01
C ILE A 125 -1.82 20.48 -1.50
N ARG A 126 -2.98 20.65 -2.13
CA ARG A 126 -3.11 20.30 -3.55
C ARG A 126 -2.17 21.14 -4.43
N ASP A 127 -2.15 22.45 -4.23
CA ASP A 127 -1.35 23.28 -5.13
C ASP A 127 0.13 22.91 -5.09
N GLY A 128 0.66 22.71 -3.87
CA GLY A 128 2.05 22.31 -3.74
C GLY A 128 2.34 20.93 -4.30
N PHE A 129 1.43 19.97 -4.07
CA PHE A 129 1.65 18.62 -4.58
C PHE A 129 1.62 18.60 -6.09
N ALA A 130 0.68 19.34 -6.68
CA ALA A 130 0.59 19.42 -8.15
C ALA A 130 1.80 20.14 -8.73
N ALA A 131 2.22 21.24 -8.11
CA ALA A 131 3.37 21.98 -8.62
C ALA A 131 4.63 21.14 -8.57
N ALA A 132 4.81 20.36 -7.50
CA ALA A 132 5.98 19.50 -7.39
C ALA A 132 5.96 18.41 -8.45
N ALA A 133 4.79 17.86 -8.75
CA ALA A 133 4.72 16.82 -9.80
C ALA A 133 5.06 17.42 -11.16
N ASP A 134 4.47 18.56 -11.49
CA ASP A 134 4.76 19.22 -12.76
C ASP A 134 6.25 19.50 -12.88
N ALA A 135 6.85 20.07 -11.84
CA ALA A 135 8.26 20.41 -11.91
C ALA A 135 9.11 19.17 -12.07
N LYS A 136 8.74 18.08 -11.39
CA LYS A 136 9.53 16.85 -11.51
C LYS A 136 9.50 16.30 -12.93
N VAL A 137 8.32 16.29 -13.57
CA VAL A 137 8.25 15.77 -14.93
C VAL A 137 9.05 16.64 -15.87
N ASP A 138 8.97 17.98 -15.72
CA ASP A 138 9.76 18.86 -16.56
C ASP A 138 11.26 18.62 -16.35
N GLU A 139 11.66 18.38 -15.10
CA GLU A 139 13.05 18.10 -14.81
C GLU A 139 13.52 16.82 -15.46
N LEU A 140 12.70 15.76 -15.38
CA LEU A 140 13.07 14.50 -15.99
C LEU A 140 13.10 14.59 -17.51
N LEU A 141 12.26 15.45 -18.10
CA LEU A 141 12.28 15.61 -19.54
C LEU A 141 13.56 16.28 -20.02
N GLN A 142 14.24 17.04 -19.16
CA GLN A 142 15.53 17.62 -19.52
C GLN A 142 16.64 16.57 -19.51
N ARG A 143 16.43 15.46 -18.82
CA ARG A 143 17.42 14.39 -18.74
C ARG A 143 17.19 13.33 -19.80
N GLY A 144 15.94 13.12 -20.20
CA GLY A 144 15.60 12.10 -21.17
C GLY A 144 15.57 10.70 -20.58
N CYS A 145 16.72 10.24 -20.08
CA CYS A 145 16.93 8.84 -19.71
C CYS A 145 17.07 8.73 -18.19
N ILE A 146 16.03 8.22 -17.53
CA ILE A 146 15.91 8.30 -16.09
C ILE A 146 15.49 6.94 -15.54
N ASP A 147 15.60 6.78 -14.24
CA ASP A 147 15.08 5.58 -13.59
C ASP A 147 13.74 5.97 -12.98
N ALA A 148 12.65 5.41 -13.50
CA ALA A 148 11.32 5.81 -13.03
C ALA A 148 11.07 5.43 -11.58
N ILE A 149 11.94 4.62 -10.96
CA ILE A 149 11.79 4.36 -9.52
C ILE A 149 12.57 5.44 -8.75
N ALA A 150 13.91 5.34 -8.69
CA ALA A 150 14.68 6.32 -7.94
C ALA A 150 14.34 7.77 -8.29
N ASP A 151 14.20 8.07 -9.60
CA ASP A 151 14.07 9.46 -10.04
C ASP A 151 12.65 9.96 -10.12
N LEU A 152 11.64 9.09 -9.91
CA LEU A 152 10.27 9.54 -10.06
C LEU A 152 9.39 8.96 -8.96
N ALA A 153 9.22 7.62 -8.95
CA ALA A 153 8.35 6.99 -7.97
C ALA A 153 8.82 7.21 -6.53
N GLU A 154 10.14 7.26 -6.31
CA GLU A 154 10.66 7.61 -5.01
C GLU A 154 10.86 9.10 -4.87
N ALA A 155 11.45 9.73 -5.89
CA ALA A 155 11.82 11.14 -5.73
C ALA A 155 10.60 12.02 -5.48
N TYR A 156 9.49 11.78 -6.20
CA TYR A 156 8.36 12.71 -6.04
C TYR A 156 7.72 12.59 -4.65
N PRO A 157 7.32 11.41 -4.18
CA PRO A 157 6.79 11.36 -2.80
C PRO A 157 7.78 11.85 -1.75
N LEU A 158 9.08 11.56 -1.91
CA LEU A 158 10.05 12.11 -0.96
C LEU A 158 10.06 13.63 -0.97
N SER A 159 9.68 14.25 -2.09
CA SER A 159 9.72 15.70 -2.20
C SER A 159 8.50 16.39 -1.61
N VAL A 160 7.39 15.66 -1.37
CA VAL A 160 6.17 16.26 -0.86
C VAL A 160 5.72 15.67 0.47
N PHE A 161 5.90 14.37 0.69
CA PHE A 161 5.19 13.80 1.84
C PHE A 161 5.91 14.06 3.16
N PRO A 162 7.23 13.89 3.25
CA PRO A 162 7.91 14.26 4.50
C PRO A 162 7.62 15.71 4.89
N ASP A 163 7.58 16.62 3.92
CA ASP A 163 7.26 18.01 4.23
C ASP A 163 5.81 18.15 4.72
N ALA A 164 4.87 17.47 4.06
CA ALA A 164 3.47 17.56 4.49
C ALA A 164 3.27 16.96 5.88
N MET A 165 4.08 15.97 6.26
CA MET A 165 4.09 15.45 7.63
C MET A 165 4.59 16.50 8.61
N GLY A 166 5.40 17.44 8.15
CA GLY A 166 6.10 18.34 9.05
C GLY A 166 7.40 17.78 9.61
N LEU A 167 8.04 16.84 8.90
CA LEU A 167 9.28 16.27 9.42
C LEU A 167 10.44 17.23 9.24
N LYS A 168 11.37 17.21 10.21
CA LYS A 168 12.63 17.90 10.02
C LYS A 168 13.41 17.25 8.86
N GLN A 169 14.47 17.94 8.42
CA GLN A 169 15.28 17.37 7.32
C GLN A 169 16.13 16.22 7.81
N GLU A 170 16.69 16.32 9.02
CA GLU A 170 17.68 15.35 9.47
C GLU A 170 17.02 14.00 9.68
N GLY A 171 17.63 12.96 9.10
CA GLY A 171 17.23 11.58 9.31
C GLY A 171 16.28 11.00 8.30
N ARG A 172 15.83 11.77 7.31
CA ARG A 172 14.83 11.27 6.38
C ARG A 172 15.31 10.06 5.60
N GLU A 173 16.61 9.86 5.51
CA GLU A 173 17.16 8.66 4.88
C GLU A 173 16.69 7.36 5.54
N HIS A 174 16.15 7.44 6.77
CA HIS A 174 15.59 6.26 7.43
C HIS A 174 14.15 5.94 7.04
N LEU A 175 13.44 6.82 6.29
CA LEU A 175 12.00 6.62 6.09
C LEU A 175 11.69 5.40 5.23
N LEU A 176 12.31 5.30 4.06
CA LEU A 176 12.05 4.16 3.19
C LEU A 176 12.57 2.87 3.82
N PRO A 177 13.77 2.84 4.42
CA PRO A 177 14.17 1.60 5.09
C PRO A 177 13.22 1.18 6.18
N TYR A 178 12.68 2.14 6.94
CA TYR A 178 11.72 1.78 7.99
C TYR A 178 10.46 1.18 7.40
N ALA A 179 9.95 1.78 6.33
CA ALA A 179 8.74 1.25 5.72
C ALA A 179 9.00 -0.13 5.12
N GLY A 180 10.16 -0.32 4.50
CA GLY A 180 10.50 -1.65 4.00
C GLY A 180 10.44 -2.69 5.09
N LEU A 181 10.95 -2.33 6.26
CA LEU A 181 10.89 -3.22 7.43
C LEU A 181 9.45 -3.47 7.87
N VAL A 182 8.65 -2.41 7.97
CA VAL A 182 7.25 -2.57 8.38
C VAL A 182 6.53 -3.57 7.49
N PHE A 183 6.67 -3.41 6.18
CA PHE A 183 5.90 -4.24 5.26
C PHE A 183 6.49 -5.64 5.13
N ASN A 184 7.82 -5.78 5.24
CA ASN A 184 8.39 -7.12 5.31
C ASN A 184 7.96 -7.84 6.57
N ALA A 185 7.71 -7.11 7.65
CA ALA A 185 7.43 -7.75 8.93
C ALA A 185 6.02 -8.35 9.01
N PHE A 186 5.11 -7.94 8.12
CA PHE A 186 3.83 -8.64 8.04
C PHE A 186 3.98 -10.04 7.44
N GLY A 187 5.10 -10.32 6.82
CA GLY A 187 5.31 -11.61 6.20
C GLY A 187 5.64 -12.69 7.19
N PRO A 188 5.86 -13.88 6.66
CA PRO A 188 6.35 -14.99 7.48
C PRO A 188 7.80 -14.76 7.88
N PRO A 189 8.33 -15.54 8.81
CA PRO A 189 9.73 -15.35 9.25
C PRO A 189 10.73 -15.92 8.23
N ASN A 190 10.65 -15.42 7.00
CA ASN A 190 11.57 -15.81 5.96
C ASN A 190 12.78 -14.87 6.01
N GLU A 191 13.69 -15.01 5.04
CA GLU A 191 14.91 -14.21 5.05
C GLU A 191 14.62 -12.73 4.93
N LEU A 192 13.65 -12.35 4.06
CA LEU A 192 13.25 -10.95 3.94
C LEU A 192 12.85 -10.38 5.29
N ARG A 193 12.07 -11.13 6.08
CA ARG A 193 11.64 -10.59 7.36
C ARG A 193 12.78 -10.56 8.37
N GLN A 194 13.53 -11.66 8.47
CA GLN A 194 14.62 -11.75 9.45
C GLN A 194 15.64 -10.64 9.21
N THR A 195 16.02 -10.45 7.95
CA THR A 195 17.01 -9.43 7.61
C THR A 195 16.48 -8.04 7.92
N ALA A 196 15.19 -7.81 7.68
CA ALA A 196 14.60 -6.50 7.97
C ALA A 196 14.62 -6.17 9.46
N ILE A 197 14.25 -7.14 10.31
CA ILE A 197 14.08 -6.84 11.73
C ILE A 197 15.43 -6.77 12.42
N GLU A 198 16.38 -7.59 11.99
CA GLU A 198 17.71 -7.59 12.59
C GLU A 198 18.40 -6.25 12.35
N ARG A 199 18.92 -5.67 13.43
CA ARG A 199 19.62 -4.38 13.39
C ARG A 199 18.72 -3.25 12.89
N SER A 200 17.42 -3.37 13.15
CA SER A 200 16.50 -2.31 12.76
C SER A 200 16.40 -1.18 13.78
N ALA A 201 17.01 -1.33 14.96
CA ALA A 201 16.88 -0.32 16.00
C ALA A 201 17.16 1.11 15.54
N PRO A 202 18.18 1.38 14.73
CA PRO A 202 18.39 2.78 14.31
C PRO A 202 17.23 3.36 13.50
N HIS A 203 16.58 2.55 12.67
CA HIS A 203 15.41 3.03 11.94
C HIS A 203 14.25 3.29 12.89
N GLN A 204 14.03 2.36 13.84
CA GLN A 204 12.98 2.55 14.83
C GLN A 204 13.24 3.80 15.66
N ALA A 205 14.49 4.00 16.09
CA ALA A 205 14.78 5.14 16.96
C ALA A 205 14.53 6.45 16.23
N TYR A 206 14.90 6.52 14.95
CA TYR A 206 14.62 7.73 14.18
C TYR A 206 13.12 8.00 14.10
N VAL A 207 12.35 7.01 13.68
CA VAL A 207 10.92 7.22 13.47
C VAL A 207 10.24 7.57 14.80
N ASN A 208 10.56 6.82 15.85
CA ASN A 208 9.93 7.06 17.14
C ASN A 208 10.23 8.46 17.67
N GLU A 209 11.46 8.95 17.44
CA GLU A 209 11.77 10.32 17.86
C GLU A 209 10.94 11.35 17.11
N GLN A 210 10.78 11.18 15.79
CA GLN A 210 10.05 12.19 15.04
C GLN A 210 8.57 12.20 15.37
N CYS A 211 8.06 11.14 16.00
CA CYS A 211 6.65 11.10 16.37
C CYS A 211 6.33 11.97 17.58
N GLN A 212 7.35 12.44 18.30
CA GLN A 212 7.13 13.27 19.47
C GLN A 212 6.81 14.69 19.03
N ARG A 213 5.87 15.31 19.75
CA ARG A 213 5.31 16.60 19.32
C ARG A 213 6.35 17.69 19.01
N PRO A 214 7.41 17.89 19.79
CA PRO A 214 8.35 18.98 19.47
C PRO A 214 9.02 18.84 18.11
N ASN A 215 9.08 17.64 17.55
CA ASN A 215 9.80 17.44 16.30
C ASN A 215 8.93 17.63 15.07
N LEU A 216 7.67 18.02 15.22
CA LEU A 216 6.72 18.04 14.11
C LEU A 216 6.31 19.47 13.81
N ALA A 217 6.50 19.92 12.57
CA ALA A 217 6.25 21.31 12.22
C ALA A 217 4.78 21.67 12.39
N PRO A 218 4.46 22.77 13.06
CA PRO A 218 3.07 23.22 13.12
C PRO A 218 2.44 23.28 11.74
N GLY A 219 1.19 22.83 11.67
CA GLY A 219 0.45 22.80 10.43
C GLY A 219 0.58 21.53 9.63
N GLY A 220 1.61 20.72 9.89
CA GLY A 220 1.76 19.47 9.16
C GLY A 220 0.91 18.37 9.75
N PHE A 221 0.88 17.22 9.07
CA PHE A 221 0.01 16.12 9.49
C PHE A 221 0.34 15.68 10.91
N GLY A 222 1.64 15.59 11.23
CA GLY A 222 2.02 15.14 12.57
C GLY A 222 1.53 16.07 13.66
N ALA A 223 1.78 17.37 13.51
CA ALA A 223 1.32 18.33 14.50
C ALA A 223 -0.19 18.32 14.61
N CYS A 224 -0.88 18.12 13.48
CA CYS A 224 -2.34 18.09 13.52
C CYS A 224 -2.85 16.88 14.30
N ILE A 225 -2.19 15.73 14.17
CA ILE A 225 -2.54 14.59 15.02
C ILE A 225 -2.43 14.97 16.49
N HIS A 226 -1.30 15.58 16.89
CA HIS A 226 -1.14 15.98 18.28
C HIS A 226 -2.19 17.00 18.70
N ALA A 227 -2.63 17.86 17.78
CA ALA A 227 -3.65 18.84 18.13
C ALA A 227 -4.97 18.18 18.50
N PHE A 228 -5.24 16.98 17.95
CA PHE A 228 -6.48 16.28 18.30
C PHE A 228 -6.47 15.72 19.72
N THR A 229 -5.32 15.71 20.41
CA THR A 229 -5.36 15.26 21.80
C THR A 229 -6.21 16.19 22.66
N ASP A 230 -6.37 17.46 22.25
CA ASP A 230 -7.20 18.38 23.01
C ASP A 230 -8.68 17.99 22.98
N THR A 231 -9.12 17.24 21.96
CA THR A 231 -10.55 17.01 21.75
C THR A 231 -11.10 15.85 22.56
N GLY A 232 -10.25 15.02 23.18
CA GLY A 232 -10.73 13.80 23.76
C GLY A 232 -10.82 12.62 22.82
N GLU A 233 -10.48 12.81 21.54
CA GLU A 233 -10.52 11.65 20.67
C GLU A 233 -9.34 10.72 20.88
N ILE A 234 -8.15 11.28 21.16
CA ILE A 234 -6.96 10.49 21.47
C ILE A 234 -6.25 11.16 22.64
N THR A 235 -5.60 10.36 23.47
CA THR A 235 -4.80 10.94 24.54
C THR A 235 -3.44 11.39 23.99
N PRO A 236 -2.71 12.23 24.74
CA PRO A 236 -1.36 12.61 24.29
C PRO A 236 -0.45 11.43 24.08
N ASP A 237 -0.54 10.35 24.88
CA ASP A 237 0.33 9.21 24.64
C ASP A 237 -0.09 8.38 23.43
N GLU A 238 -1.29 8.57 22.91
CA GLU A 238 -1.68 7.89 21.69
C GLU A 238 -1.17 8.61 20.45
N ALA A 239 -0.96 9.92 20.51
CA ALA A 239 -0.62 10.66 19.31
C ALA A 239 0.70 10.22 18.65
N PRO A 240 1.79 9.99 19.37
CA PRO A 240 3.01 9.53 18.68
C PRO A 240 2.80 8.25 17.88
N LEU A 241 2.01 7.30 18.41
CA LEU A 241 1.77 6.07 17.65
C LEU A 241 0.94 6.32 16.40
N LEU A 242 0.08 7.34 16.42
CA LEU A 242 -0.68 7.63 15.21
C LEU A 242 0.16 8.40 14.18
N VAL A 243 1.06 9.30 14.63
CA VAL A 243 2.07 9.80 13.70
C VAL A 243 2.86 8.65 13.11
N ARG A 244 3.21 7.67 13.95
CA ARG A 244 3.96 6.51 13.48
C ARG A 244 3.22 5.77 12.36
N SER A 245 1.88 5.70 12.47
CA SER A 245 1.10 5.05 11.42
C SER A 245 1.31 5.72 10.07
N LEU A 246 1.35 7.07 10.04
CA LEU A 246 1.52 7.76 8.77
C LEU A 246 2.94 7.61 8.25
N LEU A 247 3.92 7.58 9.15
CA LEU A 247 5.30 7.37 8.75
C LEU A 247 5.57 5.92 8.35
N SER A 248 4.70 4.99 8.74
CA SER A 248 4.83 3.60 8.32
C SER A 248 4.20 3.38 6.96
N ALA A 249 2.96 3.83 6.78
CA ALA A 249 2.17 3.51 5.60
C ALA A 249 2.16 4.60 4.55
N GLY A 250 2.62 5.81 4.86
CA GLY A 250 2.29 6.92 3.98
C GLY A 250 3.24 7.19 2.84
N LEU A 251 4.40 6.54 2.81
CA LEU A 251 5.41 6.82 1.80
C LEU A 251 5.65 5.65 0.85
N ASP A 252 6.04 4.48 1.38
CA ASP A 252 6.41 3.36 0.52
C ASP A 252 5.23 2.86 -0.32
N THR A 253 4.02 2.94 0.22
CA THR A 253 2.84 2.61 -0.56
C THR A 253 2.74 3.46 -1.82
N THR A 254 2.88 4.78 -1.66
CA THR A 254 2.74 5.69 -2.79
C THR A 254 3.90 5.51 -3.78
N VAL A 255 5.10 5.19 -3.28
CA VAL A 255 6.21 4.86 -4.17
C VAL A 255 5.81 3.74 -5.10
N ASN A 256 5.27 2.66 -4.53
CA ASN A 256 4.92 1.52 -5.39
C ASN A 256 3.67 1.78 -6.22
N GLY A 257 2.75 2.61 -5.71
CA GLY A 257 1.58 2.94 -6.50
C GLY A 257 1.93 3.78 -7.73
N ILE A 258 2.77 4.81 -7.53
CA ILE A 258 3.18 5.64 -8.65
C ILE A 258 4.07 4.85 -9.62
N GLY A 259 5.00 4.07 -9.07
CA GLY A 259 5.82 3.23 -9.93
C GLY A 259 4.98 2.26 -10.74
N ALA A 260 3.93 1.71 -10.11
CA ALA A 260 3.02 0.80 -10.83
C ALA A 260 2.36 1.52 -11.98
N ALA A 261 1.87 2.75 -11.73
CA ALA A 261 1.21 3.50 -12.79
C ALA A 261 2.16 3.80 -13.95
N VAL A 262 3.38 4.23 -13.66
CA VAL A 262 4.32 4.52 -14.73
C VAL A 262 4.66 3.24 -15.48
N TYR A 263 4.83 2.13 -14.76
CA TYR A 263 5.10 0.86 -15.42
C TYR A 263 3.95 0.46 -16.33
N CYS A 264 2.72 0.71 -15.89
CA CYS A 264 1.56 0.43 -16.73
C CYS A 264 1.57 1.31 -17.97
N LEU A 265 1.80 2.61 -17.80
CA LEU A 265 1.82 3.50 -18.96
C LEU A 265 2.95 3.15 -19.93
N ALA A 266 4.09 2.69 -19.41
CA ALA A 266 5.21 2.27 -20.26
C ALA A 266 4.88 1.01 -21.06
N ARG A 267 4.10 0.11 -20.48
CA ARG A 267 3.78 -1.15 -21.14
C ARG A 267 2.57 -1.05 -22.05
N PHE A 268 1.72 -0.06 -21.86
CA PHE A 268 0.46 0.06 -22.58
C PHE A 268 0.44 1.43 -23.24
N PRO A 269 1.16 1.60 -24.36
CA PRO A 269 1.24 2.94 -24.97
C PRO A 269 -0.11 3.45 -25.45
N GLY A 270 -1.02 2.56 -25.84
CA GLY A 270 -2.35 3.00 -26.22
C GLY A 270 -3.07 3.69 -25.08
N GLU A 271 -2.85 3.24 -23.85
CA GLU A 271 -3.48 3.85 -22.70
C GLU A 271 -2.82 5.16 -22.32
N LEU A 272 -1.48 5.25 -22.45
CA LEU A 272 -0.82 6.54 -22.28
C LEU A 272 -1.39 7.54 -23.27
N GLN A 273 -1.67 7.11 -24.50
CA GLN A 273 -2.20 8.05 -25.48
C GLN A 273 -3.62 8.47 -25.13
N ARG A 274 -4.43 7.55 -24.58
CA ARG A 274 -5.77 7.98 -24.16
C ARG A 274 -5.67 8.98 -23.01
N LEU A 275 -4.75 8.74 -22.07
CA LEU A 275 -4.54 9.69 -20.97
C LEU A 275 -4.05 11.06 -21.47
N ARG A 276 -3.11 11.07 -22.41
CA ARG A 276 -2.70 12.33 -23.02
C ARG A 276 -3.89 13.10 -23.60
N SER A 277 -4.80 12.37 -24.26
CA SER A 277 -5.89 13.04 -24.95
C SER A 277 -6.94 13.58 -23.99
N ASP A 278 -7.00 13.04 -22.77
CA ASP A 278 -7.93 13.55 -21.76
C ASP A 278 -7.27 13.44 -20.41
N PRO A 279 -6.50 14.45 -20.01
CA PRO A 279 -5.82 14.39 -18.72
C PRO A 279 -6.78 14.29 -17.53
N THR A 280 -8.08 14.53 -17.70
CA THR A 280 -8.98 14.33 -16.57
C THR A 280 -9.18 12.86 -16.26
N LEU A 281 -8.66 11.96 -17.11
CA LEU A 281 -8.62 10.55 -16.77
C LEU A 281 -7.49 10.19 -15.81
N ALA A 282 -6.68 11.17 -15.36
CA ALA A 282 -5.52 10.86 -14.53
C ALA A 282 -5.92 10.12 -13.25
N ARG A 283 -6.95 10.60 -12.56
CA ARG A 283 -7.36 9.96 -11.30
C ARG A 283 -7.75 8.50 -11.52
N ASN A 284 -8.55 8.23 -12.55
CA ASN A 284 -8.95 6.84 -12.77
C ASN A 284 -7.82 6.01 -13.36
N ALA A 285 -6.91 6.62 -14.13
CA ALA A 285 -5.74 5.87 -14.58
C ALA A 285 -4.89 5.41 -13.40
N PHE A 286 -4.81 6.24 -12.36
CA PHE A 286 -4.06 5.81 -11.17
C PHE A 286 -4.83 4.73 -10.42
N GLU A 287 -6.14 4.89 -10.27
CA GLU A 287 -6.94 3.87 -9.59
C GLU A 287 -6.84 2.53 -10.30
N GLU A 288 -6.85 2.55 -11.63
CA GLU A 288 -6.71 1.32 -12.39
C GLU A 288 -5.34 0.70 -12.19
N ALA A 289 -4.30 1.52 -12.06
CA ALA A 289 -2.98 0.99 -11.76
C ALA A 289 -2.97 0.30 -10.40
N VAL A 290 -3.68 0.87 -9.42
CA VAL A 290 -3.76 0.24 -8.11
C VAL A 290 -4.45 -1.13 -8.21
N ARG A 291 -5.55 -1.20 -8.96
CA ARG A 291 -6.18 -2.51 -9.18
C ARG A 291 -5.26 -3.46 -9.91
N PHE A 292 -4.68 -2.99 -11.03
CA PHE A 292 -3.96 -3.87 -11.96
C PHE A 292 -2.68 -4.42 -11.34
N GLU A 293 -1.88 -3.57 -10.69
CA GLU A 293 -0.64 -4.07 -10.10
C GLU A 293 -0.82 -4.47 -8.65
N SER A 294 -1.73 -3.84 -7.93
CA SER A 294 -1.97 -4.03 -6.50
C SER A 294 -0.69 -3.90 -5.68
N PRO A 295 -0.23 -2.67 -5.46
CA PRO A 295 1.01 -2.45 -4.70
C PRO A 295 1.01 -3.12 -3.34
N VAL A 296 -0.14 -3.21 -2.67
CA VAL A 296 -0.28 -4.06 -1.50
C VAL A 296 -0.90 -5.35 -1.98
N GLN A 297 -0.13 -6.44 -1.87
CA GLN A 297 -0.55 -7.71 -2.45
C GLN A 297 -1.38 -8.56 -1.51
N THR A 298 -1.03 -8.53 -0.23
CA THR A 298 -1.52 -9.52 0.73
C THR A 298 -1.55 -8.89 2.12
N PHE A 299 -2.49 -9.37 2.94
CA PHE A 299 -2.36 -9.28 4.39
C PHE A 299 -3.29 -10.30 5.03
N PHE A 300 -3.27 -10.33 6.36
CA PHE A 300 -3.93 -11.40 7.12
C PHE A 300 -5.05 -10.85 8.00
N ARG A 301 -5.93 -11.76 8.41
CA ARG A 301 -6.80 -11.59 9.56
C ARG A 301 -6.65 -12.83 10.45
N THR A 302 -7.18 -12.76 11.66
CA THR A 302 -7.19 -13.87 12.59
C THR A 302 -8.62 -14.16 13.00
N THR A 303 -9.04 -15.43 12.95
CA THR A 303 -10.43 -15.71 13.33
C THR A 303 -10.60 -15.61 14.83
N THR A 304 -11.72 -15.01 15.26
CA THR A 304 -12.05 -14.88 16.67
C THR A 304 -12.95 -15.99 17.16
N ARG A 305 -13.38 -16.85 16.26
CA ARG A 305 -14.37 -17.89 16.54
C ARG A 305 -14.33 -18.85 15.39
N GLU A 306 -14.87 -20.05 15.60
CA GLU A 306 -15.05 -20.96 14.49
C GLU A 306 -15.99 -20.33 13.47
N VAL A 307 -15.68 -20.50 12.19
CA VAL A 307 -16.39 -19.80 11.12
C VAL A 307 -16.34 -20.65 9.85
N GLU A 308 -17.47 -20.73 9.16
CA GLU A 308 -17.53 -21.35 7.84
C GLU A 308 -17.21 -20.29 6.77
N LEU A 309 -16.24 -20.61 5.91
CA LEU A 309 -15.90 -19.76 4.79
C LEU A 309 -15.61 -20.65 3.59
N GLY A 310 -16.28 -20.38 2.48
CA GLY A 310 -16.10 -21.20 1.29
C GLY A 310 -16.26 -22.68 1.54
N GLY A 311 -17.23 -23.05 2.37
CA GLY A 311 -17.47 -24.44 2.70
C GLY A 311 -16.47 -25.07 3.63
N ALA A 312 -15.46 -24.33 4.08
CA ALA A 312 -14.50 -24.83 5.06
C ALA A 312 -14.88 -24.32 6.43
N VAL A 313 -14.76 -25.18 7.43
CA VAL A 313 -14.94 -24.78 8.83
C VAL A 313 -13.57 -24.42 9.38
N ILE A 314 -13.32 -23.12 9.53
CA ILE A 314 -12.06 -22.64 10.07
C ILE A 314 -12.22 -22.48 11.57
N GLY A 315 -11.29 -23.03 12.32
CA GLY A 315 -11.34 -22.91 13.76
C GLY A 315 -11.01 -21.49 14.23
N GLU A 316 -11.24 -21.28 15.52
CA GLU A 316 -10.84 -20.05 16.19
C GLU A 316 -9.32 -19.91 16.20
N GLY A 317 -8.84 -18.68 16.15
CA GLY A 317 -7.43 -18.41 16.29
C GLY A 317 -6.60 -18.86 15.11
N GLU A 318 -7.18 -18.88 13.92
CA GLU A 318 -6.48 -19.27 12.71
C GLU A 318 -6.15 -18.04 11.89
N LYS A 319 -5.00 -18.06 11.23
CA LYS A 319 -4.63 -16.96 10.34
C LYS A 319 -5.20 -17.21 8.95
N VAL A 320 -5.72 -16.15 8.34
CA VAL A 320 -6.34 -16.20 7.02
C VAL A 320 -5.63 -15.18 6.17
N LEU A 321 -5.01 -15.64 5.08
CA LEU A 321 -4.26 -14.80 4.16
C LEU A 321 -5.14 -14.39 3.00
N MET A 322 -5.28 -13.09 2.80
CA MET A 322 -6.09 -12.53 1.72
C MET A 322 -5.19 -12.07 0.59
N PHE A 323 -5.52 -12.48 -0.64
CA PHE A 323 -4.74 -12.11 -1.82
C PHE A 323 -5.47 -10.97 -2.52
N LEU A 324 -5.10 -9.73 -2.16
CA LEU A 324 -5.76 -8.56 -2.73
C LEU A 324 -5.49 -8.46 -4.22
N GLY A 325 -4.25 -8.69 -4.66
CA GLY A 325 -3.94 -8.60 -6.08
C GLY A 325 -4.70 -9.61 -6.89
N SER A 326 -4.83 -10.83 -6.36
CA SER A 326 -5.63 -11.87 -7.00
C SER A 326 -7.10 -11.47 -7.09
N ALA A 327 -7.66 -10.96 -5.99
CA ALA A 327 -9.06 -10.52 -6.01
C ALA A 327 -9.25 -9.45 -7.08
N ASN A 328 -8.24 -8.60 -7.27
CA ASN A 328 -8.34 -7.51 -8.24
C ASN A 328 -8.15 -7.99 -9.67
N ARG A 329 -7.80 -9.26 -9.86
CA ARG A 329 -7.68 -9.85 -11.19
C ARG A 329 -8.61 -11.04 -11.38
N ASP A 330 -9.55 -11.25 -10.48
CA ASP A 330 -10.43 -12.41 -10.55
C ASP A 330 -11.40 -12.28 -11.71
N PRO A 331 -11.34 -13.16 -12.72
CA PRO A 331 -12.28 -13.03 -13.84
C PRO A 331 -13.72 -13.27 -13.45
N ARG A 332 -13.98 -13.82 -12.25
CA ARG A 332 -15.36 -13.92 -11.77
C ARG A 332 -15.98 -12.55 -11.56
N ARG A 333 -15.14 -11.54 -11.31
CA ARG A 333 -15.59 -10.18 -11.01
C ARG A 333 -15.25 -9.19 -12.10
N TRP A 334 -14.09 -9.33 -12.75
CA TRP A 334 -13.60 -8.34 -13.70
C TRP A 334 -13.60 -8.87 -15.13
N SER A 335 -14.06 -8.04 -16.05
CA SER A 335 -13.88 -8.33 -17.46
C SER A 335 -12.45 -7.95 -17.87
N ASP A 336 -11.82 -8.81 -18.65
CA ASP A 336 -10.45 -8.61 -19.11
C ASP A 336 -9.55 -8.17 -17.95
N PRO A 337 -9.45 -8.97 -16.89
CA PRO A 337 -8.73 -8.50 -15.68
C PRO A 337 -7.27 -8.20 -15.93
N ASP A 338 -6.67 -8.81 -16.93
CA ASP A 338 -5.24 -8.68 -17.18
C ASP A 338 -4.94 -7.56 -18.14
N LEU A 339 -5.92 -6.73 -18.48
CA LEU A 339 -5.71 -5.53 -19.27
C LEU A 339 -5.76 -4.30 -18.38
N TYR A 340 -4.85 -3.37 -18.66
CA TYR A 340 -4.86 -2.06 -18.04
C TYR A 340 -5.78 -1.15 -18.85
N ASP A 341 -6.86 -0.67 -18.22
CA ASP A 341 -7.90 0.08 -18.93
C ASP A 341 -8.23 1.31 -18.09
N ILE A 342 -7.76 2.48 -18.54
CA ILE A 342 -7.91 3.67 -17.71
C ILE A 342 -9.32 4.22 -17.66
N THR A 343 -10.26 3.70 -18.46
CA THR A 343 -11.66 4.08 -18.29
C THR A 343 -12.48 2.96 -17.65
N ARG A 344 -11.83 1.91 -17.14
CA ARG A 344 -12.53 0.88 -16.40
C ARG A 344 -13.32 1.47 -15.24
N LYS A 345 -14.49 0.90 -14.96
CA LYS A 345 -15.17 1.21 -13.70
C LYS A 345 -14.45 0.41 -12.62
N THR A 346 -13.60 1.09 -11.85
CA THR A 346 -12.73 0.47 -10.87
C THR A 346 -13.37 0.32 -9.49
N SER A 347 -14.50 0.97 -9.25
CA SER A 347 -15.09 0.94 -7.91
C SER A 347 -15.35 -0.49 -7.49
N GLY A 348 -14.96 -0.82 -6.27
CA GLY A 348 -15.06 -2.16 -5.77
C GLY A 348 -13.74 -2.91 -5.70
N HIS A 349 -12.70 -2.43 -6.38
CA HIS A 349 -11.40 -3.08 -6.22
C HIS A 349 -10.96 -2.99 -4.76
N VAL A 350 -10.11 -3.91 -4.35
CA VAL A 350 -9.69 -4.02 -2.95
C VAL A 350 -8.23 -3.61 -2.76
N GLY A 351 -7.67 -2.86 -3.71
CA GLY A 351 -6.29 -2.42 -3.57
C GLY A 351 -6.04 -1.48 -2.41
N PHE A 352 -7.07 -0.77 -1.95
CA PHE A 352 -7.02 0.04 -0.74
C PHE A 352 -7.73 -0.65 0.41
N GLY A 353 -8.02 -1.93 0.29
CA GLY A 353 -8.84 -2.61 1.28
C GLY A 353 -10.32 -2.34 1.11
N SER A 354 -11.06 -2.68 2.16
CA SER A 354 -12.51 -2.54 2.13
C SER A 354 -13.04 -2.64 3.55
N GLY A 355 -14.06 -1.84 3.86
CA GLY A 355 -14.65 -1.92 5.18
C GLY A 355 -14.01 -0.99 6.20
N VAL A 356 -13.98 -1.41 7.46
CA VAL A 356 -13.67 -0.44 8.52
C VAL A 356 -12.23 0.00 8.48
N HIS A 357 -11.30 -0.79 7.91
CA HIS A 357 -9.90 -0.42 7.81
C HIS A 357 -9.49 0.08 6.43
N MET A 358 -10.45 0.28 5.53
CA MET A 358 -10.12 0.74 4.18
C MET A 358 -9.24 1.98 4.27
N CYS A 359 -8.18 1.99 3.47
CA CYS A 359 -7.08 2.96 3.58
C CYS A 359 -7.51 4.35 4.00
N VAL A 360 -7.12 4.77 5.20
CA VAL A 360 -7.51 6.11 5.66
C VAL A 360 -6.69 7.18 4.98
N GLY A 361 -5.59 6.82 4.33
CA GLY A 361 -4.80 7.77 3.58
C GLY A 361 -5.12 7.81 2.09
N GLN A 362 -6.27 7.26 1.69
CA GLN A 362 -6.53 7.10 0.26
C GLN A 362 -6.61 8.44 -0.47
N LEU A 363 -7.02 9.53 0.20
CA LEU A 363 -7.08 10.80 -0.49
C LEU A 363 -5.68 11.33 -0.75
N VAL A 364 -4.73 11.07 0.15
CA VAL A 364 -3.35 11.49 -0.10
C VAL A 364 -2.75 10.66 -1.24
N ALA A 365 -2.95 9.34 -1.20
CA ALA A 365 -2.45 8.47 -2.25
C ALA A 365 -3.00 8.89 -3.61
N ARG A 366 -4.31 9.11 -3.69
CA ARG A 366 -4.92 9.47 -4.97
C ARG A 366 -4.51 10.86 -5.42
N LEU A 367 -4.31 11.80 -4.47
CA LEU A 367 -3.84 13.13 -4.86
C LEU A 367 -2.47 13.04 -5.52
N GLU A 368 -1.56 12.29 -4.88
CA GLU A 368 -0.21 12.13 -5.46
C GLU A 368 -0.29 11.46 -6.81
N GLY A 369 -1.03 10.35 -6.91
CA GLY A 369 -1.09 9.64 -8.18
C GLY A 369 -1.75 10.48 -9.26
N GLU A 370 -2.84 11.17 -8.93
CA GLU A 370 -3.51 12.02 -9.92
C GLU A 370 -2.59 13.09 -10.46
N VAL A 371 -1.93 13.85 -9.56
CA VAL A 371 -1.19 15.00 -10.06
C VAL A 371 0.06 14.57 -10.81
N MET A 372 0.66 13.43 -10.46
CA MET A 372 1.77 12.91 -11.25
C MET A 372 1.30 12.45 -12.62
N LEU A 373 0.18 11.70 -12.69
CA LEU A 373 -0.27 11.24 -13.99
C LEU A 373 -0.79 12.40 -14.83
N SER A 374 -1.34 13.44 -14.19
CA SER A 374 -1.73 14.65 -14.93
C SER A 374 -0.51 15.31 -15.56
N ALA A 375 0.58 15.45 -14.80
CA ALA A 375 1.79 16.04 -15.34
C ALA A 375 2.33 15.22 -16.51
N LEU A 376 2.35 13.88 -16.37
CA LEU A 376 2.74 13.03 -17.49
C LEU A 376 1.81 13.24 -18.68
N ALA A 377 0.49 13.29 -18.44
CA ALA A 377 -0.47 13.38 -19.53
C ALA A 377 -0.27 14.65 -20.34
N ARG A 378 0.10 15.74 -19.68
CA ARG A 378 0.23 17.03 -20.35
C ARG A 378 1.61 17.27 -20.94
N LYS A 379 2.62 16.54 -20.49
CA LYS A 379 4.00 16.87 -20.85
C LYS A 379 4.74 15.80 -21.63
N VAL A 380 4.29 14.55 -21.61
CA VAL A 380 5.04 13.43 -22.15
C VAL A 380 4.27 12.82 -23.32
N ALA A 381 4.99 12.52 -24.40
CA ALA A 381 4.39 11.85 -25.55
C ALA A 381 4.61 10.35 -25.55
N ALA A 382 5.72 9.88 -25.01
CA ALA A 382 5.99 8.45 -25.01
C ALA A 382 6.85 8.12 -23.79
N ILE A 383 6.71 6.89 -23.31
CA ILE A 383 7.52 6.35 -22.22
C ILE A 383 8.03 5.01 -22.69
N ASP A 384 9.35 4.89 -22.89
CA ASP A 384 9.97 3.70 -23.45
C ASP A 384 10.94 3.11 -22.45
N ILE A 385 10.70 1.85 -22.07
CA ILE A 385 11.68 1.14 -21.25
C ILE A 385 12.98 1.07 -22.05
N ASP A 386 14.10 1.45 -21.43
CA ASP A 386 15.34 1.44 -22.21
C ASP A 386 16.52 0.99 -21.37
N GLY A 387 16.29 0.06 -20.46
CA GLY A 387 17.33 -0.56 -19.69
C GLY A 387 16.73 -1.72 -18.93
N PRO A 388 17.57 -2.49 -18.24
CA PRO A 388 17.08 -3.67 -17.52
C PRO A 388 16.12 -3.29 -16.41
N VAL A 389 14.97 -3.96 -16.37
CA VAL A 389 13.99 -3.77 -15.31
C VAL A 389 14.32 -4.73 -14.17
N LYS A 390 14.30 -4.22 -12.95
CA LYS A 390 14.60 -5.04 -11.78
C LYS A 390 13.45 -4.95 -10.79
N ARG A 391 13.03 -6.11 -10.27
CA ARG A 391 11.93 -6.14 -9.31
C ARG A 391 12.47 -5.92 -7.89
N ARG A 392 11.65 -5.29 -7.05
CA ARG A 392 11.97 -5.09 -5.64
C ARG A 392 11.14 -6.06 -4.83
N PHE A 393 11.78 -6.87 -4.00
CA PHE A 393 11.08 -7.93 -3.28
C PHE A 393 10.71 -7.48 -1.88
N ASN A 394 9.46 -7.75 -1.50
CA ASN A 394 8.92 -7.35 -0.21
C ASN A 394 7.79 -8.31 0.12
N ASN A 395 7.67 -8.69 1.40
CA ASN A 395 6.65 -9.68 1.74
C ASN A 395 5.23 -9.17 1.55
N THR A 396 5.01 -7.86 1.54
CA THR A 396 3.67 -7.30 1.38
C THR A 396 3.52 -6.48 0.11
N LEU A 397 4.55 -5.72 -0.26
CA LEU A 397 4.45 -4.73 -1.33
C LEU A 397 4.99 -5.32 -2.62
N ARG A 398 4.32 -4.99 -3.73
CA ARG A 398 4.77 -5.37 -5.06
C ARG A 398 5.22 -4.11 -5.80
N GLY A 399 6.41 -4.17 -6.38
CA GLY A 399 6.88 -3.02 -7.13
C GLY A 399 8.28 -3.26 -7.64
N LEU A 400 8.81 -2.26 -8.32
CA LEU A 400 10.09 -2.39 -8.99
C LEU A 400 11.20 -1.69 -8.21
N GLU A 401 12.41 -2.25 -8.37
CA GLU A 401 13.64 -1.65 -7.86
C GLU A 401 14.21 -0.64 -8.85
N SER A 402 14.11 -0.93 -10.15
CA SER A 402 14.69 -0.04 -11.17
C SER A 402 13.85 -0.17 -12.43
N LEU A 403 13.51 0.97 -13.01
CA LEU A 403 12.68 1.03 -14.22
C LEU A 403 13.27 2.08 -15.15
N PRO A 404 14.32 1.71 -15.90
CA PRO A 404 14.95 2.71 -16.78
C PRO A 404 14.04 3.02 -17.97
N VAL A 405 13.73 4.31 -18.14
CA VAL A 405 12.88 4.74 -19.23
C VAL A 405 13.48 5.97 -19.91
N LYS A 406 13.14 6.14 -21.17
CA LYS A 406 13.37 7.40 -21.88
C LYS A 406 12.01 8.09 -22.01
N LEU A 407 11.95 9.36 -21.62
CA LEU A 407 10.74 10.17 -21.75
C LEU A 407 10.88 11.05 -22.98
N THR A 408 9.90 10.94 -23.89
CA THR A 408 9.81 11.82 -25.06
C THR A 408 8.84 12.94 -24.77
N PRO A 409 9.26 14.20 -24.92
CA PRO A 409 8.35 15.31 -24.62
C PRO A 409 7.21 15.40 -25.62
N ALA A 410 6.06 15.84 -25.13
CA ALA A 410 4.95 16.21 -25.98
C ALA A 410 5.32 17.44 -26.79
#